data_3S1F
#
_entry.id   3S1F
#
_cell.length_a   250.170
_cell.length_b   50.670
_cell.length_c   51.210
_cell.angle_alpha   90.00
_cell.angle_beta   94.02
_cell.angle_gamma   90.00
#
_symmetry.space_group_name_H-M   'C 1 2 1'
#
loop_
_entity.id
_entity.type
_entity.pdbx_description
1 polymer 'Cytokinin dehydrogenase 1'
2 branched 2-acetamido-2-deoxy-beta-D-glucopyranose-(1-4)-2-acetamido-2-deoxy-beta-D-glucopyranose
3 non-polymer 'FLAVIN-ADENINE DINUCLEOTIDE'
4 non-polymer N-(3-METHYLBUT-2-EN-1-YL)-9H-PURIN-6-AMINE
5 non-polymer 2-acetamido-2-deoxy-beta-D-glucopyranose
6 non-polymer DI(HYDROXYETHYL)ETHER
7 non-polymer GLYCEROL
8 water water
#
_entity_poly.entity_id   1
_entity_poly.type   'polypeptide(L)'
_entity_poly.pdbx_seq_one_letter_code
;LAAGTPALGDDRGRPWPASLAALALDGKLRTDSNATAAASTDFGNITSALPAAVLYPSSTADLVALLSAANSTPGWPYTI
AFRGRGHSLMGQAFAPGGVVVNMASLGDAAAPPRINVSADGRYVDAGGEQVWIDVLRASLARGVAPRSWTEYLYLTVGGT
LSNAGISGQAFRHGPQISNVLEMDVITGHGEMVTCSKQLNADLFDAVLGGLGQFGVITRARIAVEPAPARARWVRLVYTD
FAAFSADQERLTAPRPGGGGASFGPMSYVEGSVFVNQSLATDLANTGFFTDADVARIVALAGERNATTVYSIEATLNYDN
ATAAAAAVDQELASVLGTLSYVEGFAFQRDVAYAAFLDRVHGEEVALNKLGLWRVPHPWLNMFVPRSRIADFDRGVFKGI
LQGTDIVGPLIVYPLNKSMWDDGMSAATPSEDVFYAVSLLFSSVAPNDLARLQEQNRRILRFCDLAGIQYKTYLARHTDR
SDWVRHFGAAKWNRFVEMKNKYDPKRLLSPGQDIFN
;
_entity_poly.pdbx_strand_id   A
#
# COMPACT_ATOMS: atom_id res chain seq x y z
N PRO A 15 -32.54 -5.98 -22.59
CA PRO A 15 -32.31 -5.06 -23.70
C PRO A 15 -31.04 -4.26 -23.49
N TRP A 16 -30.02 -4.46 -24.38
CA TRP A 16 -28.69 -3.85 -24.31
C TRP A 16 -28.57 -2.56 -25.11
N PRO A 17 -27.89 -1.52 -24.57
CA PRO A 17 -27.62 -0.31 -25.39
C PRO A 17 -26.59 -0.67 -26.47
N ALA A 18 -26.61 0.06 -27.60
CA ALA A 18 -25.72 -0.17 -28.76
C ALA A 18 -24.23 -0.13 -28.42
N SER A 19 -23.80 0.81 -27.56
CA SER A 19 -22.39 0.93 -27.15
C SER A 19 -21.93 -0.26 -26.29
N LEU A 20 -22.85 -0.82 -25.49
CA LEU A 20 -22.56 -2.00 -24.65
C LEU A 20 -22.45 -3.26 -25.53
N ALA A 21 -23.43 -3.45 -26.45
CA ALA A 21 -23.47 -4.57 -27.40
C ALA A 21 -22.23 -4.59 -28.31
N ALA A 22 -21.73 -3.39 -28.69
CA ALA A 22 -20.51 -3.22 -29.48
C ALA A 22 -19.26 -3.78 -28.77
N LEU A 23 -19.22 -3.71 -27.42
CA LEU A 23 -18.10 -4.26 -26.64
C LEU A 23 -18.06 -5.78 -26.77
N ALA A 24 -19.25 -6.46 -26.70
CA ALA A 24 -19.35 -7.91 -26.86
C ALA A 24 -19.03 -8.34 -28.30
N LEU A 25 -19.48 -7.56 -29.31
CA LEU A 25 -19.22 -7.79 -30.74
C LEU A 25 -17.71 -7.76 -30.98
N ASP A 26 -17.03 -6.75 -30.42
CA ASP A 26 -15.58 -6.57 -30.54
C ASP A 26 -14.75 -7.56 -29.71
N GLY A 27 -15.41 -8.48 -29.01
CA GLY A 27 -14.78 -9.48 -28.16
C GLY A 27 -14.16 -8.91 -26.89
N LYS A 28 -14.50 -7.65 -26.52
CA LYS A 28 -13.96 -7.00 -25.32
C LYS A 28 -14.63 -7.49 -24.04
N LEU A 29 -15.85 -8.00 -24.16
CA LEU A 29 -16.66 -8.50 -23.05
C LEU A 29 -16.73 -10.01 -23.19
N ARG A 30 -15.99 -10.72 -22.31
CA ARG A 30 -15.84 -12.18 -22.30
C ARG A 30 -16.54 -12.88 -21.14
N THR A 31 -17.16 -14.04 -21.42
CA THR A 31 -17.83 -14.90 -20.44
C THR A 31 -17.15 -16.26 -20.37
N ASP A 32 -16.11 -16.50 -21.19
CA ASP A 32 -15.39 -17.77 -21.20
C ASP A 32 -14.71 -18.05 -19.86
N SER A 33 -14.61 -19.35 -19.51
CA SER A 33 -14.04 -19.86 -18.26
C SER A 33 -12.63 -19.37 -17.95
N ASN A 34 -11.81 -19.15 -18.97
CA ASN A 34 -10.43 -18.68 -18.79
C ASN A 34 -10.43 -17.24 -18.29
N ALA A 35 -11.27 -16.37 -18.88
CA ALA A 35 -11.44 -14.96 -18.53
C ALA A 35 -12.00 -14.82 -17.10
N THR A 36 -13.11 -15.53 -16.79
CA THR A 36 -13.74 -15.49 -15.46
C THR A 36 -12.85 -16.08 -14.37
N ALA A 37 -12.13 -17.20 -14.66
CA ALA A 37 -11.25 -17.84 -13.66
C ALA A 37 -10.12 -16.91 -13.23
N ALA A 38 -9.47 -16.21 -14.20
CA ALA A 38 -8.37 -15.27 -13.95
C ALA A 38 -8.80 -14.08 -13.11
N ALA A 39 -10.05 -13.60 -13.29
CA ALA A 39 -10.60 -12.48 -12.55
C ALA A 39 -11.31 -12.89 -11.22
N SER A 40 -11.17 -14.18 -10.81
CA SER A 40 -11.83 -14.74 -9.64
C SER A 40 -10.92 -14.99 -8.43
N THR A 41 -9.60 -14.83 -8.60
CA THR A 41 -8.65 -15.03 -7.49
C THR A 41 -7.81 -13.77 -7.28
N ASP A 42 -7.17 -13.60 -6.12
CA ASP A 42 -6.34 -12.43 -5.85
C ASP A 42 -5.09 -12.82 -5.09
N PHE A 43 -4.22 -11.84 -4.78
CA PHE A 43 -2.99 -12.08 -4.03
C PHE A 43 -3.21 -12.79 -2.67
N GLY A 44 -4.28 -12.41 -1.98
CA GLY A 44 -4.62 -12.99 -0.69
C GLY A 44 -4.71 -14.51 -0.75
N ASN A 45 -5.29 -15.04 -1.84
CA ASN A 45 -5.42 -16.47 -2.14
C ASN A 45 -6.19 -17.22 -1.02
N ILE A 46 -7.17 -16.53 -0.43
CA ILE A 46 -7.97 -17.03 0.68
C ILE A 46 -9.42 -17.12 0.22
N THR A 47 -9.88 -16.11 -0.51
CA THR A 47 -11.24 -16.04 -1.02
C THR A 47 -11.24 -16.05 -2.53
N SER A 48 -12.35 -16.52 -3.12
CA SER A 48 -12.56 -16.62 -4.55
C SER A 48 -14.01 -16.31 -4.88
N ALA A 49 -14.23 -15.60 -6.00
CA ALA A 49 -15.57 -15.27 -6.50
C ALA A 49 -15.54 -15.11 -8.03
N LEU A 50 -16.26 -15.99 -8.75
CA LEU A 50 -16.32 -15.91 -10.21
C LEU A 50 -17.19 -14.76 -10.69
N PRO A 51 -16.73 -13.89 -11.61
CA PRO A 51 -17.66 -12.89 -12.17
C PRO A 51 -18.50 -13.55 -13.28
N ALA A 52 -19.55 -12.88 -13.76
CA ALA A 52 -20.35 -13.38 -14.87
C ALA A 52 -19.58 -13.09 -16.17
N ALA A 53 -18.92 -11.90 -16.22
CA ALA A 53 -18.15 -11.44 -17.38
C ALA A 53 -16.94 -10.58 -17.00
N VAL A 54 -15.96 -10.49 -17.93
CA VAL A 54 -14.74 -9.69 -17.77
C VAL A 54 -14.64 -8.75 -18.96
N LEU A 55 -14.51 -7.45 -18.68
CA LEU A 55 -14.29 -6.43 -19.72
C LEU A 55 -12.80 -6.15 -19.88
N TYR A 56 -12.31 -6.16 -21.14
CA TYR A 56 -10.94 -5.82 -21.52
C TYR A 56 -11.05 -4.52 -22.33
N PRO A 57 -11.09 -3.34 -21.65
CA PRO A 57 -11.30 -2.08 -22.38
C PRO A 57 -10.09 -1.61 -23.17
N SER A 58 -10.27 -1.13 -24.41
CA SER A 58 -9.13 -0.63 -25.19
C SER A 58 -9.00 0.88 -25.03
N SER A 59 -10.05 1.53 -24.50
CA SER A 59 -10.07 2.98 -24.26
C SER A 59 -11.00 3.32 -23.10
N THR A 60 -10.95 4.59 -22.64
CA THR A 60 -11.81 5.10 -21.58
C THR A 60 -13.29 5.22 -22.05
N ALA A 61 -13.52 5.19 -23.38
CA ALA A 61 -14.88 5.20 -23.95
C ALA A 61 -15.57 3.86 -23.66
N ASP A 62 -14.80 2.76 -23.62
CA ASP A 62 -15.35 1.42 -23.28
C ASP A 62 -15.86 1.38 -21.83
N LEU A 63 -15.20 2.13 -20.92
CA LEU A 63 -15.56 2.27 -19.51
C LEU A 63 -16.82 3.11 -19.38
N VAL A 64 -16.90 4.21 -20.15
CA VAL A 64 -18.09 5.06 -20.25
C VAL A 64 -19.31 4.22 -20.71
N ALA A 65 -19.12 3.37 -21.75
CA ALA A 65 -20.19 2.51 -22.30
C ALA A 65 -20.75 1.52 -21.28
N LEU A 66 -19.88 0.86 -20.49
CA LEU A 66 -20.33 -0.09 -19.45
C LEU A 66 -21.10 0.61 -18.32
N LEU A 67 -20.51 1.67 -17.75
CA LEU A 67 -21.06 2.43 -16.63
C LEU A 67 -22.32 3.23 -16.99
N SER A 68 -22.44 3.74 -18.25
CA SER A 68 -23.65 4.46 -18.69
C SER A 68 -24.79 3.47 -18.89
N ALA A 69 -24.49 2.25 -19.40
CA ALA A 69 -25.46 1.16 -19.57
C ALA A 69 -25.99 0.81 -18.19
N ALA A 70 -25.08 0.62 -17.20
CA ALA A 70 -25.43 0.30 -15.82
C ALA A 70 -26.34 1.39 -15.23
N ASN A 71 -26.00 2.68 -15.51
CA ASN A 71 -26.75 3.83 -15.05
C ASN A 71 -28.14 3.98 -15.66
N SER A 72 -28.28 3.71 -16.97
CA SER A 72 -29.57 3.86 -17.66
C SER A 72 -30.48 2.63 -17.68
N THR A 73 -29.92 1.40 -17.60
CA THR A 73 -30.70 0.15 -17.61
C THR A 73 -31.40 -0.05 -16.26
N PRO A 74 -32.76 0.05 -16.21
CA PRO A 74 -33.45 -0.15 -14.93
C PRO A 74 -33.36 -1.62 -14.53
N GLY A 75 -33.13 -1.85 -13.24
CA GLY A 75 -32.97 -3.20 -12.70
C GLY A 75 -31.66 -3.89 -13.09
N TRP A 76 -30.65 -3.11 -13.56
CA TRP A 76 -29.30 -3.63 -13.92
C TRP A 76 -28.78 -4.46 -12.73
N PRO A 77 -28.49 -5.77 -12.94
CA PRO A 77 -28.11 -6.62 -11.80
C PRO A 77 -26.62 -6.91 -11.61
N TYR A 78 -25.74 -6.41 -12.49
CA TYR A 78 -24.31 -6.71 -12.43
C TYR A 78 -23.45 -5.72 -11.66
N THR A 79 -22.76 -6.24 -10.62
CA THR A 79 -21.81 -5.39 -9.87
C THR A 79 -20.55 -5.27 -10.72
N ILE A 80 -19.81 -4.16 -10.56
CA ILE A 80 -18.62 -3.85 -11.34
C ILE A 80 -17.41 -3.59 -10.44
N ALA A 81 -16.27 -4.28 -10.69
CA ALA A 81 -15.02 -4.09 -9.97
C ALA A 81 -13.95 -3.70 -10.97
N PHE A 82 -12.95 -2.93 -10.53
CA PHE A 82 -11.85 -2.51 -11.40
C PHE A 82 -10.59 -3.28 -11.00
N ARG A 83 -10.27 -4.40 -11.70
CA ARG A 83 -9.07 -5.16 -11.34
C ARG A 83 -7.79 -4.43 -11.81
N GLY A 84 -6.95 -4.03 -10.86
CA GLY A 84 -5.66 -3.39 -11.12
C GLY A 84 -4.69 -4.49 -11.46
N ARG A 85 -4.08 -5.09 -10.43
CA ARG A 85 -3.23 -6.27 -10.52
C ARG A 85 -3.76 -7.36 -9.56
N GLY A 86 -4.94 -7.13 -8.96
CA GLY A 86 -5.53 -8.08 -8.02
C GLY A 86 -4.68 -8.33 -6.78
N HIS A 87 -3.90 -7.31 -6.33
CA HIS A 87 -3.08 -7.44 -5.11
C HIS A 87 -3.88 -7.43 -3.79
N SER A 88 -5.19 -7.24 -3.91
CA SER A 88 -6.15 -7.30 -2.82
C SER A 88 -5.97 -8.61 -2.03
N LEU A 89 -6.24 -8.55 -0.71
CA LEU A 89 -6.06 -9.65 0.20
C LEU A 89 -7.30 -10.47 0.43
N MET A 90 -8.47 -9.84 0.36
CA MET A 90 -9.72 -10.50 0.72
C MET A 90 -10.89 -10.23 -0.22
N GLY A 91 -10.64 -10.35 -1.53
CA GLY A 91 -11.65 -10.23 -2.56
C GLY A 91 -12.16 -8.85 -2.93
N GLN A 92 -11.44 -7.78 -2.52
CA GLN A 92 -11.84 -6.39 -2.83
C GLN A 92 -11.93 -6.09 -4.33
N ALA A 93 -11.26 -6.87 -5.19
CA ALA A 93 -11.27 -6.68 -6.65
C ALA A 93 -12.25 -7.62 -7.40
N PHE A 94 -13.06 -8.40 -6.68
CA PHE A 94 -14.00 -9.32 -7.30
C PHE A 94 -15.37 -8.67 -7.53
N ALA A 95 -16.10 -9.17 -8.52
CA ALA A 95 -17.48 -8.76 -8.80
C ALA A 95 -18.25 -10.08 -8.89
N PRO A 96 -18.59 -10.71 -7.74
CA PRO A 96 -19.30 -12.02 -7.78
C PRO A 96 -20.56 -12.01 -8.65
N GLY A 97 -20.54 -12.81 -9.72
CA GLY A 97 -21.63 -12.90 -10.69
C GLY A 97 -21.90 -11.57 -11.37
N GLY A 98 -20.86 -10.74 -11.46
CA GLY A 98 -20.92 -9.43 -12.06
C GLY A 98 -19.90 -9.24 -13.16
N VAL A 99 -19.44 -8.00 -13.35
CA VAL A 99 -18.46 -7.67 -14.38
C VAL A 99 -17.15 -7.19 -13.75
N VAL A 100 -16.03 -7.86 -14.04
CA VAL A 100 -14.73 -7.40 -13.60
C VAL A 100 -14.08 -6.64 -14.78
N VAL A 101 -13.60 -5.43 -14.53
CA VAL A 101 -12.88 -4.70 -15.57
C VAL A 101 -11.37 -5.06 -15.48
N ASN A 102 -10.80 -5.61 -16.57
CA ASN A 102 -9.37 -5.92 -16.64
C ASN A 102 -8.65 -4.62 -17.04
N MET A 103 -8.43 -3.72 -16.02
CA MET A 103 -7.83 -2.39 -16.23
C MET A 103 -6.58 -2.34 -17.12
N ALA A 104 -5.68 -3.33 -17.00
CA ALA A 104 -4.42 -3.41 -17.76
C ALA A 104 -4.61 -3.30 -19.29
N SER A 105 -5.82 -3.63 -19.80
CA SER A 105 -6.14 -3.57 -21.23
C SER A 105 -6.07 -2.16 -21.79
N LEU A 106 -6.21 -1.12 -20.93
CA LEU A 106 -6.10 0.30 -21.32
C LEU A 106 -4.68 0.64 -21.77
N GLY A 107 -3.69 -0.12 -21.29
CA GLY A 107 -2.29 0.09 -21.62
C GLY A 107 -1.74 -0.86 -22.68
N ASP A 108 -2.59 -1.37 -23.57
CA ASP A 108 -2.17 -2.30 -24.62
C ASP A 108 -1.50 -1.65 -25.85
N ALA A 109 -2.10 -0.58 -26.42
CA ALA A 109 -1.56 0.09 -27.62
C ALA A 109 -0.31 0.93 -27.36
N ALA A 110 0.55 1.10 -28.39
CA ALA A 110 1.79 1.92 -28.33
C ALA A 110 1.46 3.42 -28.33
N ALA A 111 0.29 3.79 -28.90
CA ALA A 111 -0.26 5.14 -28.99
C ALA A 111 -1.77 5.10 -28.66
N PRO A 112 -2.31 5.98 -27.78
CA PRO A 112 -1.63 7.08 -27.09
C PRO A 112 -0.85 6.65 -25.83
N PRO A 113 0.29 7.30 -25.52
CA PRO A 113 1.04 6.93 -24.31
C PRO A 113 0.22 7.02 -23.03
N ARG A 114 0.48 6.10 -22.09
CA ARG A 114 -0.26 6.02 -20.83
C ARG A 114 0.45 6.68 -19.66
N ILE A 115 1.73 7.08 -19.86
CA ILE A 115 2.54 7.81 -18.87
C ILE A 115 3.20 9.03 -19.55
N ASN A 116 2.81 10.24 -19.15
CA ASN A 116 3.38 11.48 -19.70
C ASN A 116 3.98 12.38 -18.64
N VAL A 117 5.31 12.51 -18.64
CA VAL A 117 6.00 13.43 -17.72
C VAL A 117 5.72 14.85 -18.28
N SER A 118 5.29 15.81 -17.42
CA SER A 118 4.99 17.18 -17.84
C SER A 118 6.19 17.86 -18.48
N ALA A 119 5.90 18.83 -19.38
CA ALA A 119 6.89 19.64 -20.08
C ALA A 119 7.80 20.33 -19.06
N ASP A 120 7.22 20.90 -17.98
CA ASP A 120 7.93 21.59 -16.89
C ASP A 120 8.63 20.65 -15.88
N GLY A 121 8.33 19.34 -15.92
CA GLY A 121 8.92 18.34 -15.03
C GLY A 121 8.49 18.41 -13.56
N ARG A 122 7.30 18.97 -13.32
CA ARG A 122 6.76 19.14 -11.96
C ARG A 122 5.78 18.02 -11.58
N TYR A 123 5.24 17.33 -12.58
CA TYR A 123 4.31 16.23 -12.36
C TYR A 123 4.45 15.12 -13.39
N VAL A 124 3.72 14.02 -13.18
CA VAL A 124 3.66 12.90 -14.11
C VAL A 124 2.22 12.45 -14.24
N ASP A 125 1.75 12.38 -15.49
CA ASP A 125 0.40 11.91 -15.82
C ASP A 125 0.50 10.43 -16.10
N ALA A 126 -0.30 9.62 -15.38
CA ALA A 126 -0.30 8.17 -15.53
C ALA A 126 -1.71 7.64 -15.54
N GLY A 127 -1.96 6.69 -16.43
CA GLY A 127 -3.24 6.00 -16.50
C GLY A 127 -3.50 5.23 -15.22
N GLY A 128 -4.77 5.14 -14.81
CA GLY A 128 -5.17 4.45 -13.59
C GLY A 128 -4.71 3.00 -13.49
N GLU A 129 -4.57 2.34 -14.65
CA GLU A 129 -4.18 0.93 -14.80
C GLU A 129 -2.69 0.70 -14.74
N GLN A 130 -1.89 1.77 -14.92
CA GLN A 130 -0.43 1.67 -14.98
C GLN A 130 0.20 1.23 -13.67
N VAL A 131 1.27 0.43 -13.76
CA VAL A 131 1.97 -0.02 -12.57
C VAL A 131 3.05 0.96 -12.17
N TRP A 132 3.23 1.18 -10.86
CA TRP A 132 4.23 2.10 -10.31
C TRP A 132 5.64 1.91 -10.84
N ILE A 133 6.08 0.64 -11.09
CA ILE A 133 7.41 0.35 -11.69
C ILE A 133 7.58 1.08 -13.08
N ASP A 134 6.50 1.09 -13.89
CA ASP A 134 6.50 1.76 -15.20
C ASP A 134 6.46 3.27 -15.05
N VAL A 135 5.71 3.78 -14.03
CA VAL A 135 5.66 5.21 -13.68
C VAL A 135 7.10 5.63 -13.31
N LEU A 136 7.82 4.79 -12.50
CA LEU A 136 9.22 5.02 -12.12
C LEU A 136 10.15 5.10 -13.34
N ARG A 137 10.12 4.06 -14.22
CA ARG A 137 10.96 4.01 -15.42
C ARG A 137 10.77 5.21 -16.35
N ALA A 138 9.51 5.57 -16.62
CA ALA A 138 9.19 6.69 -17.50
C ALA A 138 9.65 8.02 -16.87
N SER A 139 9.51 8.16 -15.53
CA SER A 139 9.90 9.36 -14.79
C SER A 139 11.42 9.51 -14.82
N LEU A 140 12.16 8.44 -14.48
CA LEU A 140 13.63 8.40 -14.45
C LEU A 140 14.27 8.72 -15.82
N ALA A 141 13.57 8.39 -16.92
CA ALA A 141 14.04 8.68 -18.29
C ALA A 141 14.11 10.21 -18.50
N ARG A 142 13.28 10.96 -17.73
CA ARG A 142 13.14 12.43 -17.72
C ARG A 142 13.75 13.12 -16.47
N GLY A 143 14.61 12.40 -15.74
CA GLY A 143 15.31 12.88 -14.55
C GLY A 143 14.48 13.24 -13.34
N VAL A 144 13.24 12.68 -13.25
CA VAL A 144 12.29 12.93 -12.17
C VAL A 144 11.77 11.60 -11.58
N ALA A 145 11.06 11.67 -10.44
CA ALA A 145 10.44 10.49 -9.82
C ALA A 145 9.38 10.90 -8.84
N PRO A 146 8.25 10.14 -8.69
CA PRO A 146 7.30 10.42 -7.60
C PRO A 146 8.04 10.45 -6.24
N ARG A 147 7.49 11.18 -5.28
CA ARG A 147 8.12 11.39 -3.96
C ARG A 147 7.67 10.39 -2.89
N SER A 148 6.48 9.80 -3.05
CA SER A 148 5.87 8.87 -2.09
C SER A 148 5.54 7.55 -2.78
N TRP A 149 5.99 6.45 -2.16
CA TRP A 149 5.88 5.13 -2.76
C TRP A 149 5.19 4.10 -1.89
N THR A 150 4.99 2.92 -2.46
CA THR A 150 4.56 1.71 -1.74
C THR A 150 5.88 0.91 -1.69
N GLU A 151 5.98 -0.10 -0.82
CA GLU A 151 7.22 -0.91 -0.73
C GLU A 151 7.41 -1.82 -1.96
N TYR A 152 6.32 -2.15 -2.65
CA TYR A 152 6.27 -3.04 -3.80
C TYR A 152 5.71 -2.28 -4.99
N LEU A 153 6.46 -2.27 -6.11
CA LEU A 153 6.11 -1.45 -7.28
C LEU A 153 5.17 -2.05 -8.31
N TYR A 154 4.81 -3.34 -8.18
CA TYR A 154 3.91 -3.93 -9.17
C TYR A 154 2.45 -3.85 -8.77
N LEU A 155 2.01 -2.62 -8.44
CA LEU A 155 0.64 -2.30 -8.04
C LEU A 155 0.21 -1.19 -8.98
N THR A 156 -1.10 -1.00 -9.18
CA THR A 156 -1.53 0.08 -10.08
C THR A 156 -1.69 1.39 -9.37
N VAL A 157 -1.59 2.48 -10.15
CA VAL A 157 -1.78 3.85 -9.69
C VAL A 157 -3.20 3.95 -9.07
N GLY A 158 -4.22 3.49 -9.80
CA GLY A 158 -5.62 3.54 -9.35
C GLY A 158 -5.91 2.68 -8.13
N GLY A 159 -5.23 1.53 -8.06
CA GLY A 159 -5.37 0.61 -6.94
C GLY A 159 -4.83 1.19 -5.64
N THR A 160 -3.57 1.68 -5.65
CA THR A 160 -2.97 2.27 -4.44
C THR A 160 -3.69 3.54 -4.01
N LEU A 161 -4.19 4.34 -4.97
CA LEU A 161 -4.89 5.59 -4.69
C LEU A 161 -6.25 5.35 -4.09
N SER A 162 -6.81 4.16 -4.29
CA SER A 162 -8.10 3.78 -3.72
C SER A 162 -7.95 3.30 -2.27
N ASN A 163 -6.70 3.14 -1.80
CA ASN A 163 -6.35 2.71 -0.45
C ASN A 163 -5.68 3.83 0.34
N ALA A 164 -4.42 4.18 0.00
CA ALA A 164 -3.62 5.29 0.54
C ALA A 164 -2.26 5.30 -0.15
N GLY A 165 -1.58 4.15 -0.10
CA GLY A 165 -0.25 4.03 -0.67
C GLY A 165 0.78 4.53 0.32
N ILE A 166 1.32 3.61 1.14
CA ILE A 166 2.29 3.98 2.18
C ILE A 166 3.62 3.26 2.10
N SER A 167 4.68 3.96 2.53
CA SER A 167 6.06 3.48 2.63
C SER A 167 6.81 4.40 3.58
N GLY A 168 8.12 4.19 3.70
CA GLY A 168 8.97 4.98 4.58
C GLY A 168 9.11 6.45 4.18
N GLN A 169 8.48 6.89 3.06
CA GLN A 169 8.54 8.33 2.63
C GLN A 169 7.33 9.12 3.15
N ALA A 170 6.23 8.41 3.49
CA ALA A 170 4.97 9.04 3.90
C ALA A 170 5.07 9.93 5.14
N PHE A 171 6.06 9.71 6.06
CA PHE A 171 6.20 10.58 7.23
C PHE A 171 6.46 12.04 6.78
N ARG A 172 7.22 12.22 5.67
CA ARG A 172 7.57 13.57 5.17
C ARG A 172 6.80 14.07 3.96
N HIS A 173 6.36 13.17 3.08
CA HIS A 173 5.64 13.57 1.87
C HIS A 173 4.16 13.18 1.94
N GLY A 174 3.80 12.47 2.97
CA GLY A 174 2.45 11.95 3.10
C GLY A 174 2.22 10.74 2.22
N PRO A 175 1.08 10.05 2.41
CA PRO A 175 0.76 8.89 1.56
C PRO A 175 0.65 9.29 0.08
N GLN A 176 0.55 8.29 -0.84
CA GLN A 176 0.42 8.56 -2.27
C GLN A 176 -0.82 9.41 -2.56
N ILE A 177 -1.90 9.23 -1.78
CA ILE A 177 -3.12 10.03 -1.92
C ILE A 177 -2.91 11.55 -1.64
N SER A 178 -1.83 11.93 -0.92
CA SER A 178 -1.49 13.33 -0.61
C SER A 178 -0.56 13.94 -1.67
N ASN A 179 -0.19 13.15 -2.72
CA ASN A 179 0.72 13.57 -3.80
C ASN A 179 0.05 13.49 -5.19
N VAL A 180 -1.25 13.76 -5.26
CA VAL A 180 -2.06 13.73 -6.50
C VAL A 180 -2.57 15.15 -6.72
N LEU A 181 -2.27 15.75 -7.90
CA LEU A 181 -2.70 17.10 -8.26
C LEU A 181 -4.12 17.08 -8.82
N GLU A 182 -4.40 16.09 -9.66
CA GLU A 182 -5.72 15.91 -10.26
C GLU A 182 -5.91 14.50 -10.83
N MET A 183 -7.17 14.15 -11.10
CA MET A 183 -7.54 12.88 -11.70
C MET A 183 -8.68 13.04 -12.69
N ASP A 184 -8.79 12.05 -13.60
CA ASP A 184 -9.94 11.83 -14.48
C ASP A 184 -10.60 10.62 -13.86
N VAL A 185 -11.90 10.74 -13.57
CA VAL A 185 -12.71 9.69 -12.96
C VAL A 185 -13.97 9.49 -13.78
N ILE A 186 -14.39 8.22 -13.98
CA ILE A 186 -15.70 7.92 -14.58
C ILE A 186 -16.57 7.44 -13.42
N THR A 187 -17.56 8.25 -13.04
CA THR A 187 -18.44 7.93 -11.91
C THR A 187 -19.36 6.73 -12.23
N GLY A 188 -20.11 6.25 -11.23
CA GLY A 188 -21.06 5.15 -11.38
C GLY A 188 -22.23 5.50 -12.29
N HIS A 189 -22.33 6.80 -12.67
CA HIS A 189 -23.33 7.39 -13.59
C HIS A 189 -22.83 7.31 -15.05
N GLY A 190 -21.56 6.95 -15.24
CA GLY A 190 -20.91 6.83 -16.55
C GLY A 190 -20.45 8.17 -17.08
N GLU A 191 -20.21 9.14 -16.19
CA GLU A 191 -19.80 10.49 -16.51
C GLU A 191 -18.31 10.70 -16.28
N MET A 192 -17.61 11.16 -17.33
CA MET A 192 -16.18 11.46 -17.27
C MET A 192 -16.01 12.84 -16.67
N VAL A 193 -15.40 12.89 -15.49
CA VAL A 193 -15.20 14.11 -14.70
C VAL A 193 -13.71 14.25 -14.37
N THR A 194 -13.13 15.45 -14.59
CA THR A 194 -11.77 15.79 -14.20
C THR A 194 -11.93 16.47 -12.83
N CYS A 195 -11.15 16.02 -11.83
CA CYS A 195 -11.28 16.56 -10.47
C CYS A 195 -9.95 16.89 -9.79
N SER A 196 -9.99 17.87 -8.87
CA SER A 196 -8.87 18.39 -8.10
C SER A 196 -9.40 19.12 -6.86
N LYS A 197 -8.54 19.81 -6.12
CA LYS A 197 -8.96 20.61 -4.96
C LYS A 197 -9.78 21.84 -5.42
N GLN A 198 -9.55 22.30 -6.68
CA GLN A 198 -10.18 23.49 -7.30
C GLN A 198 -11.37 23.16 -8.21
N LEU A 199 -11.44 21.92 -8.71
CA LEU A 199 -12.50 21.49 -9.59
C LEU A 199 -13.05 20.13 -9.16
N ASN A 200 -14.37 20.06 -8.86
CA ASN A 200 -15.09 18.87 -8.42
C ASN A 200 -14.34 18.19 -7.23
N ALA A 201 -13.96 19.03 -6.24
CA ALA A 201 -13.24 18.71 -5.00
C ALA A 201 -13.84 17.57 -4.21
N ASP A 202 -15.19 17.51 -4.17
CA ASP A 202 -15.95 16.48 -3.46
C ASP A 202 -15.70 15.08 -4.01
N LEU A 203 -15.57 14.96 -5.36
CA LEU A 203 -15.29 13.70 -6.04
C LEU A 203 -13.82 13.31 -5.82
N PHE A 204 -12.90 14.28 -5.97
CA PHE A 204 -11.46 14.12 -5.80
C PHE A 204 -11.14 13.56 -4.40
N ASP A 205 -11.77 14.13 -3.35
CA ASP A 205 -11.58 13.73 -1.95
C ASP A 205 -12.19 12.38 -1.65
N ALA A 206 -13.43 12.10 -2.17
CA ALA A 206 -14.11 10.83 -2.00
C ALA A 206 -13.34 9.67 -2.64
N VAL A 207 -12.77 9.89 -3.83
CA VAL A 207 -12.06 8.84 -4.56
C VAL A 207 -10.70 8.46 -3.92
N LEU A 208 -9.99 9.45 -3.35
CA LEU A 208 -8.70 9.18 -2.72
C LEU A 208 -8.90 8.46 -1.39
N GLY A 209 -8.50 7.19 -1.38
CA GLY A 209 -8.71 6.29 -0.25
C GLY A 209 -10.12 5.77 -0.26
N GLY A 210 -10.82 6.00 -1.38
CA GLY A 210 -12.23 5.68 -1.62
C GLY A 210 -12.62 4.24 -1.86
N LEU A 211 -11.64 3.30 -1.85
CA LEU A 211 -11.93 1.87 -2.01
C LEU A 211 -12.76 1.44 -3.25
N GLY A 212 -12.59 2.17 -4.35
CA GLY A 212 -13.26 1.91 -5.63
C GLY A 212 -14.77 2.04 -5.61
N GLN A 213 -15.32 2.79 -4.64
CA GLN A 213 -16.75 2.94 -4.41
C GLN A 213 -17.51 3.97 -5.25
N PHE A 214 -16.81 4.99 -5.76
CA PHE A 214 -17.39 6.15 -6.43
C PHE A 214 -17.19 6.25 -7.93
N GLY A 215 -16.22 5.49 -8.43
CA GLY A 215 -15.86 5.49 -9.85
C GLY A 215 -14.47 4.98 -10.10
N VAL A 216 -14.14 4.85 -11.39
CA VAL A 216 -12.82 4.40 -11.82
C VAL A 216 -11.92 5.58 -12.16
N ILE A 217 -10.70 5.59 -11.58
CA ILE A 217 -9.65 6.57 -11.88
C ILE A 217 -9.04 6.11 -13.23
N THR A 218 -9.11 6.97 -14.27
CA THR A 218 -8.54 6.63 -15.58
C THR A 218 -7.19 7.30 -15.77
N ARG A 219 -6.94 8.39 -15.04
CA ARG A 219 -5.72 9.17 -15.08
C ARG A 219 -5.50 9.81 -13.72
N ALA A 220 -4.26 9.78 -13.22
CA ALA A 220 -3.87 10.46 -11.99
C ALA A 220 -2.63 11.29 -12.27
N ARG A 221 -2.65 12.56 -11.88
CA ARG A 221 -1.54 13.50 -12.06
C ARG A 221 -0.75 13.50 -10.75
N ILE A 222 0.42 12.88 -10.78
CA ILE A 222 1.28 12.63 -9.62
C ILE A 222 2.45 13.62 -9.54
N ALA A 223 2.63 14.21 -8.36
CA ALA A 223 3.73 15.13 -8.05
C ALA A 223 5.05 14.37 -8.15
N VAL A 224 6.08 15.00 -8.73
CA VAL A 224 7.40 14.42 -8.85
C VAL A 224 8.42 15.39 -8.26
N GLU A 225 9.64 14.90 -8.06
CA GLU A 225 10.74 15.67 -7.56
C GLU A 225 11.95 15.32 -8.43
N PRO A 226 13.04 16.12 -8.46
CA PRO A 226 14.22 15.72 -9.22
C PRO A 226 14.71 14.36 -8.71
N ALA A 227 14.93 13.42 -9.63
CA ALA A 227 15.36 12.06 -9.32
C ALA A 227 16.74 11.96 -8.68
N PRO A 228 16.83 11.41 -7.44
CA PRO A 228 18.16 11.14 -6.88
C PRO A 228 18.79 9.97 -7.66
N ALA A 229 20.10 9.84 -7.62
CA ALA A 229 20.78 8.76 -8.34
C ALA A 229 20.99 7.54 -7.47
N ARG A 230 21.32 7.78 -6.19
CA ARG A 230 21.66 6.73 -5.25
C ARG A 230 20.96 6.85 -3.90
N ALA A 231 20.95 5.75 -3.15
CA ALA A 231 20.39 5.72 -1.81
C ALA A 231 21.42 5.12 -0.86
N ARG A 232 21.82 5.87 0.19
CA ARG A 232 22.69 5.34 1.24
C ARG A 232 21.68 4.64 2.14
N TRP A 233 21.82 3.35 2.30
CA TRP A 233 20.84 2.50 2.96
C TRP A 233 21.37 1.90 4.28
N VAL A 234 20.74 2.29 5.41
CA VAL A 234 21.16 1.83 6.74
C VAL A 234 20.14 1.01 7.52
N ARG A 235 20.67 0.10 8.33
CA ARG A 235 19.94 -0.66 9.33
C ARG A 235 20.64 -0.45 10.69
N LEU A 236 19.85 -0.14 11.72
CA LEU A 236 20.30 0.14 13.09
C LEU A 236 19.61 -0.90 13.98
N VAL A 237 20.36 -1.56 14.88
CA VAL A 237 19.84 -2.63 15.74
C VAL A 237 19.61 -2.19 17.21
N TYR A 238 18.46 -2.63 17.76
CA TYR A 238 18.00 -2.38 19.15
C TYR A 238 17.50 -3.67 19.75
N THR A 239 17.64 -3.78 21.09
CA THR A 239 17.05 -4.87 21.87
C THR A 239 15.93 -4.26 22.73
N ASP A 240 15.90 -2.91 22.85
CA ASP A 240 14.91 -2.18 23.65
C ASP A 240 13.89 -1.49 22.74
N PHE A 241 12.59 -1.83 22.85
CA PHE A 241 11.53 -1.25 22.03
C PHE A 241 11.39 0.26 22.27
N ALA A 242 11.54 0.70 23.54
CA ALA A 242 11.43 2.13 23.87
C ALA A 242 12.49 2.95 23.14
N ALA A 243 13.72 2.48 23.08
CA ALA A 243 14.81 3.18 22.36
C ALA A 243 14.54 3.17 20.82
N PHE A 244 14.08 2.03 20.32
CA PHE A 244 13.75 1.82 18.90
C PHE A 244 12.66 2.80 18.43
N SER A 245 11.51 2.80 19.13
CA SER A 245 10.37 3.65 18.79
C SER A 245 10.68 5.15 19.00
N ALA A 246 11.41 5.50 20.09
CA ALA A 246 11.86 6.87 20.34
C ALA A 246 12.75 7.40 19.21
N ASP A 247 13.65 6.57 18.67
CA ASP A 247 14.53 6.95 17.56
C ASP A 247 13.80 7.09 16.23
N GLN A 248 12.79 6.23 15.95
CA GLN A 248 11.99 6.30 14.72
C GLN A 248 11.20 7.65 14.73
N GLU A 249 10.69 8.01 15.90
CA GLU A 249 9.95 9.26 16.11
C GLU A 249 10.85 10.49 15.97
N ARG A 250 12.12 10.41 16.42
CA ARG A 250 13.14 11.49 16.32
C ARG A 250 13.49 11.71 14.84
N LEU A 251 13.72 10.60 14.12
CA LEU A 251 14.07 10.68 12.70
C LEU A 251 12.93 11.22 11.82
N THR A 252 11.68 11.05 12.26
CA THR A 252 10.51 11.44 11.47
C THR A 252 9.76 12.66 11.98
N ALA A 253 10.22 13.25 13.09
CA ALA A 253 9.57 14.41 13.69
C ALA A 253 9.74 15.67 12.85
N PRO A 254 8.72 16.54 12.80
CA PRO A 254 8.89 17.85 12.11
C PRO A 254 9.83 18.75 12.92
N ARG A 255 10.81 19.38 12.23
CA ARG A 255 11.83 20.26 12.81
C ARG A 255 11.24 21.60 13.32
N PRO A 256 11.82 22.22 14.39
CA PRO A 256 11.27 23.51 14.87
C PRO A 256 11.73 24.68 14.02
N ALA A 261 7.20 22.05 9.76
CA ALA A 261 7.14 22.08 8.30
C ALA A 261 8.38 21.42 7.66
N SER A 262 9.55 21.56 8.32
CA SER A 262 10.80 20.95 7.85
C SER A 262 10.98 19.58 8.53
N PHE A 263 11.79 18.72 7.92
CA PHE A 263 12.09 17.38 8.45
C PHE A 263 13.60 17.16 8.48
N GLY A 264 14.04 16.10 9.17
CA GLY A 264 15.44 15.70 9.23
C GLY A 264 15.94 15.26 7.86
N PRO A 265 17.20 14.81 7.72
CA PRO A 265 17.68 14.45 6.38
C PRO A 265 17.18 13.14 5.78
N MET A 266 16.70 12.18 6.62
CA MET A 266 16.27 10.86 6.11
C MET A 266 15.18 10.96 5.04
N SER A 267 15.39 10.26 3.94
CA SER A 267 14.46 10.17 2.81
C SER A 267 13.37 9.08 3.06
N TYR A 268 13.68 8.11 3.90
CA TYR A 268 12.85 6.93 4.14
C TYR A 268 13.16 6.44 5.52
N VAL A 269 12.12 6.11 6.29
CA VAL A 269 12.29 5.54 7.62
C VAL A 269 11.25 4.41 7.82
N GLU A 270 11.71 3.18 8.00
CA GLU A 270 10.82 2.06 8.32
C GLU A 270 11.46 1.30 9.47
N GLY A 271 10.86 0.17 9.86
CA GLY A 271 11.43 -0.61 10.94
C GLY A 271 10.91 -2.02 10.89
N SER A 272 11.59 -2.93 11.54
CA SER A 272 11.16 -4.35 11.56
C SER A 272 11.40 -5.04 12.88
N VAL A 273 10.56 -6.05 13.16
CA VAL A 273 10.62 -6.78 14.41
C VAL A 273 11.06 -8.19 14.11
N PHE A 274 12.02 -8.71 14.88
CA PHE A 274 12.51 -10.08 14.71
C PHE A 274 12.29 -10.81 16.02
N VAL A 275 11.46 -11.85 16.00
CA VAL A 275 11.20 -12.67 17.18
C VAL A 275 12.41 -13.59 17.43
N ASN A 276 12.79 -13.79 18.68
CA ASN A 276 13.98 -14.59 19.00
C ASN A 276 14.04 -16.00 18.38
N GLN A 277 12.93 -16.73 18.44
CA GLN A 277 12.86 -18.11 17.93
C GLN A 277 13.53 -18.39 16.58
N SER A 278 13.26 -17.55 15.58
CA SER A 278 13.81 -17.67 14.22
C SER A 278 14.79 -16.54 13.86
N LEU A 279 15.38 -15.88 14.89
CA LEU A 279 16.30 -14.75 14.71
C LEU A 279 17.37 -14.86 13.60
N ALA A 280 18.26 -15.86 13.68
CA ALA A 280 19.33 -16.03 12.67
C ALA A 280 18.81 -16.17 11.21
N THR A 281 17.81 -17.03 11.00
CA THR A 281 17.15 -17.27 9.70
C THR A 281 16.51 -15.98 9.17
N ASP A 282 15.75 -15.27 10.03
CA ASP A 282 15.07 -14.03 9.63
C ASP A 282 16.02 -12.90 9.25
N LEU A 283 17.13 -12.73 10.03
CA LEU A 283 18.15 -11.72 9.71
C LEU A 283 18.86 -12.08 8.40
N ALA A 284 19.14 -13.34 8.20
CA ALA A 284 19.80 -13.82 6.97
C ALA A 284 18.85 -13.66 5.78
N ASN A 285 17.52 -13.80 5.99
CA ASN A 285 16.49 -13.62 4.93
C ASN A 285 16.12 -12.16 4.58
N THR A 286 16.68 -11.14 5.31
CA THR A 286 16.45 -9.72 4.98
C THR A 286 17.10 -9.37 3.64
N GLY A 287 18.16 -10.11 3.30
CA GLY A 287 18.98 -9.88 2.11
C GLY A 287 19.87 -8.67 2.30
N PHE A 288 19.90 -8.11 3.52
CA PHE A 288 20.66 -6.91 3.89
C PHE A 288 21.92 -7.28 4.68
N PHE A 289 21.77 -8.15 5.70
CA PHE A 289 22.86 -8.54 6.58
C PHE A 289 23.72 -9.68 6.01
N THR A 290 25.05 -9.61 6.25
CA THR A 290 26.01 -10.68 5.90
C THR A 290 25.93 -11.69 7.05
N ASP A 291 26.49 -12.91 6.88
CA ASP A 291 26.50 -13.93 7.95
C ASP A 291 27.29 -13.45 9.18
N ALA A 292 28.31 -12.60 8.97
CA ALA A 292 29.09 -12.02 10.07
C ALA A 292 28.18 -11.05 10.87
N ASP A 293 27.36 -10.22 10.18
CA ASP A 293 26.40 -9.29 10.81
C ASP A 293 25.39 -10.11 11.62
N VAL A 294 24.89 -11.20 11.04
CA VAL A 294 23.93 -12.12 11.66
C VAL A 294 24.46 -12.68 13.00
N ALA A 295 25.71 -13.24 13.00
CA ALA A 295 26.37 -13.82 14.19
C ALA A 295 26.41 -12.79 15.33
N ARG A 296 26.81 -11.54 15.01
CA ARG A 296 26.90 -10.43 15.97
C ARG A 296 25.55 -10.08 16.61
N ILE A 297 24.47 -9.95 15.79
CA ILE A 297 23.12 -9.60 16.29
C ILE A 297 22.56 -10.77 17.13
N VAL A 298 22.79 -12.02 16.67
CA VAL A 298 22.37 -13.21 17.43
C VAL A 298 23.10 -13.23 18.81
N ALA A 299 24.41 -12.92 18.86
CA ALA A 299 25.16 -12.90 20.12
C ALA A 299 24.65 -11.75 21.00
N LEU A 300 24.34 -10.58 20.41
CA LEU A 300 23.80 -9.44 21.13
C LEU A 300 22.47 -9.80 21.81
N ALA A 301 21.54 -10.49 21.08
CA ALA A 301 20.24 -10.92 21.63
C ALA A 301 20.39 -11.81 22.86
N GLY A 302 21.31 -12.78 22.79
CA GLY A 302 21.62 -13.71 23.88
C GLY A 302 22.18 -13.00 25.10
N GLU A 303 23.08 -12.01 24.89
CA GLU A 303 23.67 -11.19 25.96
C GLU A 303 22.59 -10.38 26.66
N ARG A 304 21.65 -9.79 25.91
CA ARG A 304 20.61 -8.98 26.51
C ARG A 304 19.44 -9.82 26.95
N ASN A 305 19.45 -11.13 26.63
CA ASN A 305 18.37 -12.10 26.90
C ASN A 305 17.04 -11.56 26.29
N ALA A 306 17.14 -11.03 25.06
CA ALA A 306 16.03 -10.45 24.31
C ALA A 306 15.16 -11.51 23.60
N THR A 307 13.82 -11.41 23.77
CA THR A 307 12.84 -12.28 23.09
C THR A 307 12.49 -11.66 21.75
N THR A 308 12.86 -10.38 21.57
CA THR A 308 12.64 -9.62 20.34
C THR A 308 13.84 -8.73 20.04
N VAL A 309 14.11 -8.54 18.75
CA VAL A 309 15.14 -7.65 18.24
C VAL A 309 14.44 -6.70 17.28
N TYR A 310 14.79 -5.41 17.33
CA TYR A 310 14.21 -4.37 16.46
C TYR A 310 15.27 -3.77 15.57
N SER A 311 14.90 -3.44 14.33
CA SER A 311 15.82 -2.80 13.43
C SER A 311 15.19 -1.59 12.74
N ILE A 312 15.84 -0.42 12.83
CA ILE A 312 15.36 0.74 12.06
C ILE A 312 15.96 0.58 10.68
N GLU A 313 15.16 0.81 9.64
CA GLU A 313 15.67 0.77 8.26
C GLU A 313 15.51 2.17 7.72
N ALA A 314 16.61 2.80 7.29
CA ALA A 314 16.55 4.18 6.78
C ALA A 314 17.45 4.42 5.57
N THR A 315 17.12 5.44 4.77
CA THR A 315 17.91 5.83 3.61
C THR A 315 18.15 7.35 3.58
N LEU A 316 19.16 7.74 2.80
CA LEU A 316 19.52 9.12 2.51
C LEU A 316 19.71 9.19 1.01
N ASN A 317 18.78 9.85 0.29
CA ASN A 317 18.85 9.97 -1.18
C ASN A 317 19.87 11.03 -1.59
N TYR A 318 20.72 10.70 -2.59
CA TYR A 318 21.72 11.65 -3.10
C TYR A 318 21.95 11.48 -4.61
N ASP A 319 22.51 12.52 -5.26
CA ASP A 319 22.74 12.45 -6.71
C ASP A 319 24.18 12.10 -7.11
N ASN A 320 24.46 12.19 -8.42
CA ASN A 320 25.77 11.89 -9.02
C ASN A 320 26.88 12.93 -8.82
N ALA A 321 26.63 14.03 -8.06
CA ALA A 321 27.63 15.09 -7.78
C ALA A 321 28.93 14.49 -7.24
N THR A 322 30.10 15.06 -7.62
CA THR A 322 31.43 14.58 -7.19
C THR A 322 31.61 14.53 -5.67
N ALA A 323 31.06 15.53 -4.96
CA ALA A 323 31.17 15.66 -3.50
C ALA A 323 30.08 14.93 -2.69
N ALA A 324 29.02 14.45 -3.38
CA ALA A 324 27.84 13.79 -2.79
C ALA A 324 28.13 12.67 -1.78
N ALA A 325 29.00 11.70 -2.13
CA ALA A 325 29.36 10.57 -1.27
C ALA A 325 29.92 10.98 0.10
N ALA A 326 30.80 12.01 0.11
CA ALA A 326 31.42 12.54 1.33
C ALA A 326 30.44 13.38 2.16
N ALA A 327 29.52 14.11 1.48
CA ALA A 327 28.49 14.95 2.12
C ALA A 327 27.51 14.03 2.88
N VAL A 328 27.16 12.90 2.26
CA VAL A 328 26.25 11.87 2.77
C VAL A 328 26.90 11.20 3.98
N ASP A 329 28.19 10.86 3.88
CA ASP A 329 28.97 10.25 4.97
C ASP A 329 28.91 11.15 6.21
N GLN A 330 29.08 12.48 6.02
CA GLN A 330 29.06 13.48 7.09
C GLN A 330 27.66 13.69 7.64
N GLU A 331 26.65 13.77 6.74
CA GLU A 331 25.23 13.94 7.09
C GLU A 331 24.75 12.75 7.91
N LEU A 332 25.12 11.53 7.48
CA LEU A 332 24.78 10.27 8.12
C LEU A 332 25.47 10.14 9.49
N ALA A 333 26.79 10.48 9.56
CA ALA A 333 27.57 10.42 10.82
C ALA A 333 26.96 11.34 11.87
N SER A 334 26.37 12.46 11.42
CA SER A 334 25.73 13.46 12.27
C SER A 334 24.38 12.96 12.83
N VAL A 335 23.50 12.43 11.97
CA VAL A 335 22.18 11.92 12.37
C VAL A 335 22.35 10.73 13.34
N LEU A 336 23.28 9.81 13.00
CA LEU A 336 23.55 8.65 13.83
C LEU A 336 23.96 8.98 15.26
N GLY A 337 24.65 10.12 15.43
CA GLY A 337 25.11 10.60 16.73
C GLY A 337 24.00 11.00 17.69
N THR A 338 22.81 11.34 17.13
CA THR A 338 21.60 11.71 17.88
C THR A 338 20.83 10.45 18.33
N LEU A 339 21.20 9.27 17.81
CA LEU A 339 20.48 8.02 18.06
C LEU A 339 21.00 7.14 19.18
N SER A 340 20.20 6.12 19.55
CA SER A 340 20.49 5.27 20.69
C SER A 340 20.44 3.76 20.40
N TYR A 341 20.84 3.36 19.17
CA TYR A 341 20.96 1.96 18.78
C TYR A 341 22.17 1.38 19.52
N VAL A 342 22.22 0.04 19.67
CA VAL A 342 23.33 -0.60 20.37
C VAL A 342 24.66 -0.17 19.71
N GLU A 343 25.61 0.31 20.51
CA GLU A 343 26.91 0.77 20.00
C GLU A 343 27.56 -0.23 19.02
N GLY A 344 27.95 0.27 17.85
CA GLY A 344 28.56 -0.55 16.80
C GLY A 344 27.57 -1.32 15.93
N PHE A 345 26.26 -1.20 16.20
CA PHE A 345 25.25 -1.90 15.42
C PHE A 345 24.55 -1.02 14.36
N ALA A 346 25.38 -0.30 13.57
CA ALA A 346 24.92 0.48 12.41
C ALA A 346 25.50 -0.27 11.21
N PHE A 347 24.67 -0.55 10.21
CA PHE A 347 25.06 -1.37 9.04
C PHE A 347 24.68 -0.63 7.77
N GLN A 348 25.66 -0.39 6.87
CA GLN A 348 25.47 0.41 5.66
C GLN A 348 25.63 -0.35 4.36
N ARG A 349 24.86 0.10 3.38
CA ARG A 349 24.82 -0.35 2.00
CA ARG A 349 24.85 -0.35 2.00
C ARG A 349 24.62 0.87 1.12
N ASP A 350 25.06 0.82 -0.13
CA ASP A 350 24.91 1.97 -1.02
C ASP A 350 24.47 1.43 -2.36
N VAL A 351 23.29 1.83 -2.81
CA VAL A 351 22.71 1.30 -4.06
C VAL A 351 22.17 2.42 -4.94
N ALA A 352 21.87 2.11 -6.22
CA ALA A 352 21.24 3.05 -7.15
C ALA A 352 19.79 3.19 -6.65
N TYR A 353 19.23 4.39 -6.79
CA TYR A 353 17.87 4.69 -6.32
C TYR A 353 16.78 3.70 -6.79
N ALA A 354 16.76 3.34 -8.09
CA ALA A 354 15.77 2.40 -8.64
C ALA A 354 15.94 0.99 -8.07
N ALA A 355 17.20 0.56 -7.77
CA ALA A 355 17.46 -0.75 -7.16
C ALA A 355 16.84 -0.79 -5.75
N PHE A 356 16.95 0.32 -4.99
CA PHE A 356 16.32 0.43 -3.67
C PHE A 356 14.79 0.38 -3.85
N LEU A 357 14.22 1.25 -4.70
CA LEU A 357 12.76 1.27 -4.84
C LEU A 357 12.14 -0.07 -5.26
N ASP A 358 12.84 -0.82 -6.12
CA ASP A 358 12.37 -2.09 -6.64
C ASP A 358 12.90 -3.32 -5.87
N ARG A 359 13.40 -3.13 -4.64
CA ARG A 359 13.97 -4.18 -3.79
C ARG A 359 13.04 -5.40 -3.55
N VAL A 360 11.72 -5.16 -3.36
CA VAL A 360 10.76 -6.23 -3.05
C VAL A 360 10.58 -7.19 -4.24
N HIS A 361 10.75 -6.72 -5.49
CA HIS A 361 10.66 -7.56 -6.70
C HIS A 361 11.60 -8.78 -6.66
N GLY A 362 12.78 -8.60 -6.04
CA GLY A 362 13.77 -9.65 -5.81
C GLY A 362 13.25 -10.72 -4.86
N GLU A 363 12.58 -10.30 -3.77
CA GLU A 363 11.94 -11.20 -2.81
C GLU A 363 10.84 -12.03 -3.52
N GLU A 364 10.11 -11.41 -4.49
CA GLU A 364 9.07 -12.08 -5.24
C GLU A 364 9.66 -13.22 -6.12
N VAL A 365 10.71 -12.89 -6.89
CA VAL A 365 11.41 -13.85 -7.73
C VAL A 365 11.88 -15.08 -6.90
N ALA A 366 12.65 -14.83 -5.82
CA ALA A 366 13.17 -15.88 -4.94
C ALA A 366 12.03 -16.71 -4.31
N LEU A 367 10.96 -16.06 -3.82
CA LEU A 367 9.85 -16.82 -3.22
C LEU A 367 9.04 -17.64 -4.25
N ASN A 368 8.82 -17.08 -5.47
CA ASN A 368 8.08 -17.77 -6.54
C ASN A 368 8.73 -19.09 -6.98
N LYS A 369 10.07 -19.10 -7.12
CA LYS A 369 10.82 -20.30 -7.51
C LYS A 369 10.80 -21.40 -6.44
N LEU A 370 10.63 -21.00 -5.17
CA LEU A 370 10.49 -21.91 -4.03
C LEU A 370 9.02 -22.35 -3.87
N GLY A 371 8.12 -21.73 -4.65
CA GLY A 371 6.69 -21.94 -4.58
C GLY A 371 6.06 -21.29 -3.36
N LEU A 372 6.76 -20.28 -2.78
CA LEU A 372 6.30 -19.58 -1.57
C LEU A 372 5.73 -18.16 -1.84
N TRP A 373 5.41 -17.84 -3.09
CA TRP A 373 4.81 -16.54 -3.40
C TRP A 373 3.31 -16.70 -3.54
N ARG A 374 2.86 -17.61 -4.44
CA ARG A 374 1.45 -17.89 -4.68
C ARG A 374 0.92 -18.91 -3.65
N VAL A 375 0.81 -18.44 -2.39
CA VAL A 375 0.33 -19.15 -1.21
C VAL A 375 -0.64 -18.19 -0.50
N PRO A 376 -1.50 -18.63 0.47
CA PRO A 376 -2.39 -17.66 1.13
C PRO A 376 -1.61 -16.60 1.92
N HIS A 377 -2.10 -15.36 1.87
CA HIS A 377 -1.48 -14.26 2.60
C HIS A 377 -2.43 -13.67 3.63
N PRO A 378 -2.53 -14.29 4.82
CA PRO A 378 -3.41 -13.71 5.87
C PRO A 378 -2.69 -12.54 6.57
N TRP A 379 -2.43 -11.48 5.78
CA TRP A 379 -1.74 -10.29 6.26
C TRP A 379 -2.57 -9.50 7.26
N LEU A 380 -1.92 -8.98 8.31
CA LEU A 380 -2.55 -8.09 9.28
C LEU A 380 -1.91 -6.67 9.12
N ASN A 381 -2.71 -5.69 8.65
CA ASN A 381 -2.23 -4.32 8.40
C ASN A 381 -3.08 -3.34 9.18
N MET A 382 -2.43 -2.53 10.03
CA MET A 382 -3.18 -1.55 10.83
CA MET A 382 -3.12 -1.61 10.95
C MET A 382 -2.39 -0.27 11.14
N PHE A 383 -3.11 0.73 11.62
CA PHE A 383 -2.59 2.03 12.05
C PHE A 383 -2.83 2.06 13.54
N VAL A 384 -1.76 2.10 14.34
CA VAL A 384 -1.83 2.08 15.80
C VAL A 384 -1.39 3.43 16.36
N PRO A 385 -2.22 4.14 17.17
CA PRO A 385 -1.75 5.41 17.74
C PRO A 385 -0.49 5.24 18.58
N ARG A 386 0.41 6.21 18.48
CA ARG A 386 1.69 6.29 19.14
C ARG A 386 1.62 5.98 20.64
N SER A 387 0.58 6.52 21.34
CA SER A 387 0.40 6.34 22.78
C SER A 387 0.20 4.86 23.17
N ARG A 388 -0.22 4.03 22.21
CA ARG A 388 -0.44 2.62 22.50
C ARG A 388 0.52 1.64 21.79
N ILE A 389 1.53 2.16 21.07
CA ILE A 389 2.47 1.29 20.36
C ILE A 389 3.28 0.38 21.30
N ALA A 390 3.69 0.88 22.49
CA ALA A 390 4.47 0.07 23.46
C ALA A 390 3.59 -1.07 24.03
N ASP A 391 2.29 -0.83 24.19
CA ASP A 391 1.32 -1.83 24.65
C ASP A 391 1.15 -2.87 23.56
N PHE A 392 1.09 -2.42 22.28
CA PHE A 392 0.99 -3.33 21.16
C PHE A 392 2.23 -4.25 21.12
N ASP A 393 3.43 -3.66 21.27
CA ASP A 393 4.70 -4.43 21.31
C ASP A 393 4.67 -5.52 22.42
N ARG A 394 4.24 -5.14 23.63
CA ARG A 394 4.14 -6.08 24.76
C ARG A 394 3.13 -7.19 24.55
N GLY A 395 1.95 -6.85 24.04
CA GLY A 395 0.91 -7.84 23.85
C GLY A 395 1.04 -8.66 22.59
N VAL A 396 1.71 -8.14 21.56
CA VAL A 396 1.84 -8.84 20.26
C VAL A 396 3.24 -9.39 19.98
N PHE A 397 4.26 -8.53 19.86
CA PHE A 397 5.64 -8.99 19.55
C PHE A 397 6.29 -9.82 20.65
N LYS A 398 6.04 -9.41 21.90
CA LYS A 398 6.54 -10.04 23.12
C LYS A 398 5.51 -10.97 23.75
N GLY A 399 4.30 -11.01 23.17
CA GLY A 399 3.19 -11.82 23.67
C GLY A 399 2.72 -12.92 22.74
N ILE A 400 1.61 -12.68 22.02
CA ILE A 400 0.94 -13.59 21.09
C ILE A 400 1.87 -14.28 20.07
N LEU A 401 2.80 -13.50 19.45
CA LEU A 401 3.67 -14.05 18.40
C LEU A 401 4.81 -14.92 18.93
N GLN A 402 5.09 -14.84 20.25
CA GLN A 402 6.16 -15.64 20.88
C GLN A 402 5.79 -17.12 20.86
N GLY A 403 6.77 -17.96 20.55
CA GLY A 403 6.56 -19.41 20.47
C GLY A 403 5.95 -19.87 19.16
N THR A 404 5.89 -18.99 18.14
CA THR A 404 5.35 -19.32 16.82
C THR A 404 6.46 -19.21 15.79
N ASP A 405 6.33 -19.99 14.70
CA ASP A 405 7.26 -19.95 13.58
C ASP A 405 6.71 -18.91 12.63
N ILE A 406 7.43 -17.79 12.48
CA ILE A 406 6.96 -16.70 11.63
C ILE A 406 7.60 -16.74 10.27
N VAL A 407 6.76 -16.69 9.22
CA VAL A 407 7.21 -16.59 7.83
C VAL A 407 6.56 -15.32 7.30
N GLY A 408 7.39 -14.32 7.09
CA GLY A 408 7.00 -13.01 6.62
C GLY A 408 7.53 -11.91 7.50
N PRO A 409 7.83 -10.72 6.92
CA PRO A 409 8.36 -9.63 7.75
C PRO A 409 7.31 -9.00 8.68
N LEU A 410 7.77 -8.47 9.82
CA LEU A 410 6.91 -7.78 10.79
C LEU A 410 7.35 -6.32 10.74
N ILE A 411 6.58 -5.47 10.05
CA ILE A 411 6.95 -4.08 9.77
C ILE A 411 6.25 -3.11 10.72
N VAL A 412 7.01 -2.16 11.30
CA VAL A 412 6.50 -1.16 12.25
C VAL A 412 7.18 0.17 11.95
N TYR A 413 6.41 1.23 11.72
CA TYR A 413 7.03 2.57 11.54
C TYR A 413 6.05 3.71 11.74
N PRO A 414 6.52 4.87 12.27
CA PRO A 414 5.58 5.98 12.53
C PRO A 414 5.25 6.81 11.31
N LEU A 415 4.06 7.40 11.35
CA LEU A 415 3.53 8.30 10.34
C LEU A 415 3.07 9.60 11.01
N ASN A 416 3.21 10.74 10.29
CA ASN A 416 2.77 12.05 10.75
C ASN A 416 1.40 12.35 10.16
N LYS A 417 0.36 12.51 11.03
CA LYS A 417 -1.03 12.75 10.66
C LYS A 417 -1.20 14.07 9.90
N SER A 418 -0.29 15.05 10.13
CA SER A 418 -0.26 16.36 9.47
C SER A 418 -0.16 16.21 7.94
N MET A 419 0.48 15.10 7.46
CA MET A 419 0.67 14.80 6.03
C MET A 419 -0.54 14.05 5.42
N TRP A 420 -1.57 13.74 6.23
CA TRP A 420 -2.79 13.06 5.79
C TRP A 420 -3.92 14.06 5.77
N ASP A 421 -4.73 14.03 4.69
CA ASP A 421 -5.88 14.91 4.55
C ASP A 421 -7.13 14.18 5.03
N ASP A 422 -7.65 14.56 6.21
CA ASP A 422 -8.83 13.92 6.81
C ASP A 422 -10.15 14.05 6.01
N GLY A 423 -10.21 15.02 5.10
CA GLY A 423 -11.34 15.23 4.20
C GLY A 423 -11.41 14.18 3.10
N MET A 424 -10.30 13.45 2.88
CA MET A 424 -10.25 12.35 1.91
C MET A 424 -10.91 11.12 2.54
N SER A 425 -11.19 10.08 1.75
CA SER A 425 -11.89 8.90 2.29
C SER A 425 -11.06 8.03 3.26
N ALA A 426 -9.72 7.98 3.08
CA ALA A 426 -8.86 7.12 3.92
C ALA A 426 -9.00 7.42 5.41
N ALA A 427 -9.23 6.37 6.23
CA ALA A 427 -9.36 6.48 7.67
C ALA A 427 -8.02 6.26 8.40
N THR A 428 -7.73 7.12 9.36
CA THR A 428 -6.52 7.03 10.20
C THR A 428 -6.87 7.35 11.68
N PRO A 429 -6.02 6.92 12.65
CA PRO A 429 -6.25 7.31 14.06
C PRO A 429 -6.19 8.83 14.26
N SER A 430 -6.75 9.30 15.39
CA SER A 430 -6.84 10.73 15.71
C SER A 430 -5.52 11.36 16.13
N GLU A 431 -4.61 10.58 16.73
CA GLU A 431 -3.34 11.08 17.23
C GLU A 431 -2.46 11.64 16.14
N ASP A 432 -1.60 12.62 16.49
CA ASP A 432 -0.67 13.30 15.56
C ASP A 432 0.36 12.35 14.95
N VAL A 433 0.76 11.34 15.73
CA VAL A 433 1.69 10.28 15.32
C VAL A 433 0.97 8.93 15.50
N PHE A 434 1.01 8.10 14.46
CA PHE A 434 0.44 6.75 14.53
C PHE A 434 1.35 5.84 13.73
N TYR A 435 1.40 4.55 14.09
CA TYR A 435 2.28 3.60 13.41
C TYR A 435 1.59 2.77 12.37
N ALA A 436 2.27 2.57 11.25
CA ALA A 436 1.83 1.59 10.28
C ALA A 436 2.38 0.29 10.84
N VAL A 437 1.49 -0.71 11.06
CA VAL A 437 1.93 -2.00 11.57
C VAL A 437 1.52 -3.04 10.48
N SER A 438 2.52 -3.66 9.83
CA SER A 438 2.30 -4.63 8.75
C SER A 438 2.90 -6.01 9.04
N LEU A 439 2.03 -6.97 9.40
CA LEU A 439 2.49 -8.32 9.75
C LEU A 439 2.17 -9.17 8.55
N LEU A 440 3.20 -9.39 7.73
CA LEU A 440 3.01 -10.01 6.43
C LEU A 440 3.14 -11.50 6.45
N PHE A 441 2.21 -12.17 7.15
CA PHE A 441 2.23 -13.63 7.32
C PHE A 441 1.94 -14.34 6.01
N SER A 442 2.82 -15.27 5.64
CA SER A 442 2.64 -16.13 4.48
C SER A 442 2.27 -17.53 5.04
N SER A 443 1.22 -18.14 4.50
CA SER A 443 0.85 -19.49 4.93
C SER A 443 1.63 -20.46 4.04
N VAL A 444 2.88 -20.70 4.41
CA VAL A 444 3.83 -21.56 3.67
C VAL A 444 3.70 -23.04 4.08
N ALA A 445 3.62 -23.29 5.41
CA ALA A 445 3.46 -24.63 6.01
C ALA A 445 2.18 -25.31 5.47
N PRO A 446 2.18 -26.69 5.42
CA PRO A 446 1.04 -27.42 4.82
C PRO A 446 -0.39 -26.85 4.89
N ASN A 447 -0.96 -26.73 6.09
CA ASN A 447 -2.33 -26.19 6.25
C ASN A 447 -2.38 -25.24 7.45
N ASP A 448 -1.43 -24.27 7.45
CA ASP A 448 -1.19 -23.27 8.51
C ASP A 448 -2.12 -22.07 8.45
N LEU A 449 -2.97 -21.99 7.41
CA LEU A 449 -3.89 -20.89 7.21
C LEU A 449 -4.83 -20.64 8.36
N ALA A 450 -5.58 -21.66 8.82
CA ALA A 450 -6.55 -21.48 9.89
C ALA A 450 -5.89 -20.95 11.17
N ARG A 451 -4.70 -21.45 11.52
CA ARG A 451 -3.94 -21.00 12.71
C ARG A 451 -3.60 -19.49 12.56
N LEU A 452 -3.16 -19.07 11.36
CA LEU A 452 -2.83 -17.65 11.13
C LEU A 452 -4.06 -16.74 11.17
N GLN A 453 -5.19 -17.21 10.62
CA GLN A 453 -6.41 -16.39 10.64
C GLN A 453 -6.92 -16.20 12.06
N GLU A 454 -6.80 -17.24 12.92
CA GLU A 454 -7.22 -17.16 14.32
C GLU A 454 -6.31 -16.23 15.11
N GLN A 455 -5.01 -16.28 14.81
CA GLN A 455 -4.01 -15.45 15.47
C GLN A 455 -4.27 -13.95 15.14
N ASN A 456 -4.72 -13.66 13.90
CA ASN A 456 -5.10 -12.30 13.53
C ASN A 456 -6.35 -11.85 14.30
N ARG A 457 -7.33 -12.75 14.47
CA ARG A 457 -8.50 -12.43 15.29
C ARG A 457 -8.11 -12.16 16.75
N ARG A 458 -7.15 -12.93 17.29
CA ARG A 458 -6.61 -12.79 18.65
C ARG A 458 -5.91 -11.44 18.84
N ILE A 459 -5.09 -11.03 17.86
CA ILE A 459 -4.37 -9.73 17.90
C ILE A 459 -5.38 -8.59 17.95
N LEU A 460 -6.41 -8.69 17.08
CA LEU A 460 -7.47 -7.67 17.04
C LEU A 460 -8.25 -7.65 18.35
N ARG A 461 -8.54 -8.84 18.93
CA ARG A 461 -9.29 -8.94 20.19
C ARG A 461 -8.48 -8.34 21.32
N PHE A 462 -7.14 -8.63 21.34
CA PHE A 462 -6.23 -8.04 22.32
C PHE A 462 -6.29 -6.48 22.25
N CYS A 463 -6.27 -5.91 21.03
CA CYS A 463 -6.32 -4.45 20.83
C CYS A 463 -7.68 -3.89 21.28
N ASP A 464 -8.78 -4.61 20.97
CA ASP A 464 -10.13 -4.19 21.37
C ASP A 464 -10.27 -4.16 22.89
N LEU A 465 -9.85 -5.25 23.57
CA LEU A 465 -9.91 -5.34 25.02
C LEU A 465 -9.00 -4.31 25.75
N ALA A 466 -7.85 -3.91 25.14
CA ALA A 466 -6.92 -2.94 25.71
C ALA A 466 -7.34 -1.49 25.42
N GLY A 467 -8.40 -1.31 24.66
CA GLY A 467 -8.93 0.00 24.28
C GLY A 467 -8.05 0.78 23.32
N ILE A 468 -7.27 0.08 22.48
CA ILE A 468 -6.39 0.69 21.49
C ILE A 468 -7.28 1.08 20.29
N GLN A 469 -7.35 2.38 19.97
CA GLN A 469 -8.15 2.93 18.87
C GLN A 469 -7.38 2.86 17.53
N TYR A 470 -7.21 1.66 17.01
CA TYR A 470 -6.51 1.45 15.75
C TYR A 470 -7.46 1.60 14.55
N LYS A 471 -6.89 1.67 13.34
CA LYS A 471 -7.63 1.61 12.10
C LYS A 471 -6.98 0.51 11.30
N THR A 472 -7.77 -0.37 10.66
CA THR A 472 -7.20 -1.38 9.77
C THR A 472 -6.81 -0.66 8.47
N TYR A 473 -5.92 -1.29 7.68
CA TYR A 473 -5.51 -0.81 6.37
C TYR A 473 -5.51 -2.04 5.46
N LEU A 474 -6.09 -1.96 4.23
CA LEU A 474 -6.12 -3.10 3.27
C LEU A 474 -7.08 -4.23 3.65
N ALA A 475 -7.87 -4.00 4.69
CA ALA A 475 -8.82 -4.99 5.15
C ALA A 475 -10.22 -4.51 4.75
N ARG A 476 -11.11 -5.47 4.53
CA ARG A 476 -12.51 -5.22 4.24
C ARG A 476 -13.35 -5.84 5.38
N HIS A 477 -14.23 -5.03 5.94
CA HIS A 477 -15.10 -5.49 7.00
C HIS A 477 -16.37 -6.10 6.41
N THR A 478 -16.99 -7.05 7.13
CA THR A 478 -18.20 -7.74 6.65
C THR A 478 -19.47 -7.30 7.38
N ASP A 479 -19.33 -6.46 8.40
CA ASP A 479 -20.43 -5.95 9.20
C ASP A 479 -20.47 -4.43 9.08
N ARG A 480 -21.69 -3.88 8.94
CA ARG A 480 -21.93 -2.44 8.85
C ARG A 480 -21.35 -1.67 10.06
N SER A 481 -21.59 -2.16 11.28
CA SER A 481 -21.07 -1.51 12.50
C SER A 481 -19.53 -1.36 12.46
N ASP A 482 -18.80 -2.33 11.84
CA ASP A 482 -17.34 -2.30 11.67
C ASP A 482 -16.89 -1.21 10.71
N TRP A 483 -17.59 -1.04 9.58
CA TRP A 483 -17.28 0.02 8.63
C TRP A 483 -17.60 1.38 9.22
N VAL A 484 -18.70 1.49 9.99
CA VAL A 484 -19.06 2.76 10.65
C VAL A 484 -17.95 3.16 11.65
N ARG A 485 -17.46 2.20 12.46
CA ARG A 485 -16.35 2.46 13.42
C ARG A 485 -15.05 2.76 12.69
N HIS A 486 -14.85 2.13 11.50
CA HIS A 486 -13.68 2.32 10.67
C HIS A 486 -13.58 3.78 10.25
N PHE A 487 -14.64 4.35 9.64
CA PHE A 487 -14.54 5.75 9.23
C PHE A 487 -14.74 6.74 10.41
N GLY A 488 -15.54 6.35 11.39
CA GLY A 488 -16.04 7.22 12.46
C GLY A 488 -17.41 7.66 11.98
N ALA A 489 -18.43 7.73 12.86
CA ALA A 489 -19.83 8.05 12.49
C ALA A 489 -20.06 9.28 11.60
N ALA A 490 -19.41 10.41 11.89
CA ALA A 490 -19.55 11.63 11.08
C ALA A 490 -18.95 11.43 9.69
N LYS A 491 -17.71 10.88 9.62
CA LYS A 491 -17.00 10.62 8.37
C LYS A 491 -17.72 9.52 7.55
N TRP A 492 -18.38 8.57 8.23
CA TRP A 492 -19.19 7.54 7.59
C TRP A 492 -20.39 8.17 6.82
N ASN A 493 -21.13 9.10 7.48
CA ASN A 493 -22.26 9.83 6.88
C ASN A 493 -21.84 10.56 5.62
N ARG A 494 -20.63 11.12 5.63
CA ARG A 494 -20.02 11.83 4.51
C ARG A 494 -19.73 10.85 3.36
N PHE A 495 -19.24 9.64 3.70
CA PHE A 495 -18.91 8.57 2.75
C PHE A 495 -20.18 8.12 2.02
N VAL A 496 -21.28 7.98 2.77
CA VAL A 496 -22.62 7.61 2.28
C VAL A 496 -23.16 8.71 1.35
N GLU A 497 -22.99 9.99 1.74
CA GLU A 497 -23.39 11.13 0.91
C GLU A 497 -22.75 11.00 -0.47
N MET A 498 -21.42 10.73 -0.49
CA MET A 498 -20.69 10.58 -1.75
C MET A 498 -21.08 9.33 -2.53
N LYS A 499 -21.45 8.23 -1.82
CA LYS A 499 -21.91 7.02 -2.49
C LYS A 499 -23.22 7.33 -3.21
N ASN A 500 -24.13 8.05 -2.55
CA ASN A 500 -25.41 8.44 -3.11
C ASN A 500 -25.27 9.31 -4.36
N LYS A 501 -24.32 10.26 -4.34
CA LYS A 501 -24.02 11.15 -5.47
C LYS A 501 -23.38 10.41 -6.67
N TYR A 502 -22.39 9.50 -6.40
CA TYR A 502 -21.60 8.87 -7.45
C TYR A 502 -21.88 7.43 -7.84
N ASP A 503 -22.48 6.62 -6.97
CA ASP A 503 -22.85 5.23 -7.27
C ASP A 503 -24.19 4.89 -6.54
N PRO A 504 -25.30 5.59 -6.89
CA PRO A 504 -26.60 5.34 -6.22
C PRO A 504 -27.09 3.90 -6.30
N LYS A 505 -26.70 3.20 -7.38
CA LYS A 505 -27.10 1.82 -7.61
C LYS A 505 -26.28 0.79 -6.82
N ARG A 506 -25.21 1.23 -6.12
CA ARG A 506 -24.34 0.38 -5.30
C ARG A 506 -23.87 -0.85 -6.08
N LEU A 507 -23.18 -0.61 -7.19
CA LEU A 507 -22.63 -1.64 -8.07
C LEU A 507 -21.09 -1.67 -8.01
N LEU A 508 -20.46 -0.53 -7.70
CA LEU A 508 -19.00 -0.42 -7.71
C LEU A 508 -18.25 -1.06 -6.55
N SER A 509 -17.20 -1.80 -6.90
CA SER A 509 -16.30 -2.52 -5.99
C SER A 509 -17.07 -3.21 -4.85
N PRO A 510 -17.96 -4.17 -5.20
CA PRO A 510 -18.78 -4.84 -4.18
C PRO A 510 -17.99 -5.63 -3.15
N GLY A 511 -16.78 -6.04 -3.53
CA GLY A 511 -15.84 -6.82 -2.72
C GLY A 511 -15.34 -6.11 -1.49
N GLN A 512 -15.63 -4.80 -1.36
CA GLN A 512 -15.30 -4.04 -0.15
C GLN A 512 -16.33 -4.37 0.93
N ASP A 513 -17.55 -4.82 0.52
CA ASP A 513 -18.63 -5.25 1.42
C ASP A 513 -19.11 -4.09 2.30
N ILE A 514 -19.07 -2.86 1.75
CA ILE A 514 -19.52 -1.67 2.47
C ILE A 514 -21.02 -1.52 2.19
N PHE A 515 -21.39 -1.57 0.89
CA PHE A 515 -22.77 -1.41 0.43
C PHE A 515 -23.30 -2.66 -0.28
N ASN A 516 -22.54 -3.76 -0.18
CA ASN A 516 -22.85 -5.06 -0.79
C ASN A 516 -22.48 -6.19 0.19
#